data_9KHU
#
_entry.id   9KHU
#
_cell.length_a   54.366
_cell.length_b   83.422
_cell.length_c   93.028
_cell.angle_alpha   90.00
_cell.angle_beta   90.00
_cell.angle_gamma   90.00
#
_symmetry.space_group_name_H-M   'P 21 21 21'
#
loop_
_entity.id
_entity.type
_entity.pdbx_description
1 polymer GT
2 non-polymer "URIDINE-5'-DIPHOSPHATE"
3 non-polymer GLYCEROL
4 water water
#
_entity_poly.entity_id   1
_entity_poly.type   'polypeptide(L)'
_entity_poly.pdbx_seq_one_letter_code
;MAGEGEDEQQEQGKGSHLVLLPLPFQGHINPMLQLANLLHSKGFSITIIHPQLNSPNPSDYPNLNFEIIPDGFSEPQRTG
IKIIELLSAVNTNCEAPLRECLARLQAANPLNPISCLITDAILYSTQTIAEDLGLPRIVLRTSSPFSFLAFAMYSHLKAK
GYLPIQDHRSEISVVELPPLRVKDLPGYPNTDVNAHSQFFEKIVNTTRSATAVILNSSDHLERAILPELHREFPIPIFFV
GPLCKSSSSVSSNRLSENEQSCLDWLDKQESRSVLYVSFGSVTEMEEADLAETAWGLANSEQPFLWVIRPGLVTGSERTW
PHLPEGFAEKTKGKGWVVKWAPQQKVLVHPAVGGFWTHAGWNSTLEGICSGVPMICWPRNGDQTVNARLVSCSWKVGLQL
EGDRLERGEIEKGLRKLMADKEGEEMRERARVLKETAELCVIKGGSSYVAMNKLVNHILSL
;
_entity_poly.pdbx_strand_id   A
#
# COMPACT_ATOMS: atom_id res chain seq x y z
N GLU A 11 30.26 7.47 5.28
CA GLU A 11 28.82 7.48 5.10
C GLU A 11 28.08 7.53 6.44
N GLN A 12 27.00 8.33 6.45
CA GLN A 12 26.42 8.83 7.69
C GLN A 12 26.04 7.71 8.66
N GLY A 13 25.50 6.60 8.17
CA GLY A 13 25.03 5.60 9.10
C GLY A 13 26.00 4.50 9.44
N LYS A 14 27.17 4.47 8.80
CA LYS A 14 28.05 3.32 8.91
C LYS A 14 28.32 3.00 10.36
N GLY A 15 28.25 1.71 10.69
CA GLY A 15 28.37 1.27 12.06
C GLY A 15 27.07 1.23 12.83
N SER A 16 25.93 1.54 12.20
CA SER A 16 24.66 1.60 12.91
C SER A 16 23.74 0.51 12.35
N HIS A 17 23.26 -0.35 13.25
CA HIS A 17 22.47 -1.52 12.89
C HIS A 17 20.99 -1.20 13.15
N LEU A 18 20.20 -1.18 12.07
CA LEU A 18 18.76 -0.98 12.19
C LEU A 18 18.04 -2.28 11.86
N VAL A 19 16.97 -2.55 12.61
CA VAL A 19 16.13 -3.72 12.40
C VAL A 19 14.76 -3.21 11.96
N LEU A 20 14.32 -3.63 10.78
CA LEU A 20 13.04 -3.20 10.24
C LEU A 20 12.07 -4.37 10.26
N LEU A 21 10.84 -4.09 10.68
CA LEU A 21 9.82 -5.11 10.92
C LEU A 21 8.59 -4.80 10.06
N PRO A 22 8.51 -5.38 8.86
CA PRO A 22 7.31 -5.18 8.03
C PRO A 22 6.14 -6.02 8.50
N LEU A 23 4.97 -5.54 8.19
CA LEU A 23 3.82 -6.44 8.27
C LEU A 23 3.86 -7.39 7.05
N PRO A 24 3.50 -8.66 7.22
CA PRO A 24 3.80 -9.66 6.16
C PRO A 24 2.76 -9.73 5.05
N PHE A 25 2.56 -8.61 4.35
CA PHE A 25 1.79 -8.61 3.10
C PHE A 25 2.41 -7.58 2.17
N GLN A 26 2.26 -7.83 0.87
CA GLN A 26 3.11 -7.15 -0.12
C GLN A 26 3.04 -5.64 -0.02
N GLY A 27 1.86 -5.07 0.26
CA GLY A 27 1.70 -3.62 0.30
C GLY A 27 2.34 -2.99 1.52
N HIS A 28 2.80 -3.81 2.46
CA HIS A 28 3.56 -3.38 3.60
C HIS A 28 5.03 -3.71 3.46
N ILE A 29 5.34 -4.92 2.97
CA ILE A 29 6.72 -5.32 2.72
C ILE A 29 7.39 -4.33 1.78
N ASN A 30 6.68 -3.95 0.71
CA ASN A 30 7.28 -3.17 -0.36
C ASN A 30 7.79 -1.82 0.12
N PRO A 31 7.01 -1.00 0.82
CA PRO A 31 7.57 0.29 1.28
C PRO A 31 8.60 0.13 2.39
N MET A 32 8.43 -0.84 3.29
CA MET A 32 9.43 -1.07 4.33
C MET A 32 10.79 -1.37 3.70
N LEU A 33 10.81 -2.16 2.61
CA LEU A 33 12.06 -2.56 2.00
C LEU A 33 12.58 -1.48 1.06
N GLN A 34 11.71 -0.67 0.47
CA GLN A 34 12.19 0.53 -0.19
C GLN A 34 12.89 1.41 0.83
N LEU A 35 12.27 1.59 1.99
CA LEU A 35 12.90 2.34 3.06
C LEU A 35 14.20 1.67 3.48
N ALA A 36 14.21 0.33 3.55
CA ALA A 36 15.41 -0.39 3.95
C ALA A 36 16.58 -0.09 3.01
N ASN A 37 16.33 -0.23 1.69
CA ASN A 37 17.36 0.02 0.70
C ASN A 37 17.83 1.47 0.75
N LEU A 38 16.89 2.41 0.96
CA LEU A 38 17.28 3.80 1.10
C LEU A 38 18.21 4.01 2.28
N LEU A 39 17.82 3.46 3.46
CA LEU A 39 18.67 3.62 4.63
C LEU A 39 20.01 2.94 4.46
N HIS A 40 20.02 1.75 3.85
CA HIS A 40 21.30 1.09 3.62
C HIS A 40 22.23 1.97 2.78
N SER A 41 21.67 2.63 1.76
CA SER A 41 22.41 3.57 0.94
C SER A 41 22.88 4.79 1.73
N LYS A 42 22.25 5.08 2.87
CA LYS A 42 22.75 6.12 3.75
C LYS A 42 23.84 5.60 4.69
N GLY A 43 24.15 4.31 4.63
CA GLY A 43 25.23 3.75 5.41
C GLY A 43 24.83 2.85 6.54
N PHE A 44 23.53 2.62 6.76
CA PHE A 44 23.14 1.74 7.87
C PHE A 44 23.29 0.28 7.47
N SER A 45 23.54 -0.57 8.45
CA SER A 45 23.38 -2.01 8.28
C SER A 45 21.96 -2.39 8.64
N ILE A 46 21.30 -3.17 7.78
CA ILE A 46 19.87 -3.42 7.89
C ILE A 46 19.63 -4.91 8.12
N THR A 47 18.93 -5.23 9.21
CA THR A 47 18.35 -6.55 9.41
C THR A 47 16.84 -6.41 9.25
N ILE A 48 16.25 -7.20 8.34
CA ILE A 48 14.81 -7.41 8.28
C ILE A 48 14.48 -8.67 9.07
N ILE A 49 13.48 -8.59 9.95
CA ILE A 49 12.87 -9.78 10.54
C ILE A 49 11.46 -9.93 9.97
N HIS A 50 11.16 -11.12 9.48
CA HIS A 50 9.90 -11.34 8.81
C HIS A 50 9.33 -12.73 9.07
N PRO A 51 8.01 -12.85 9.30
CA PRO A 51 7.38 -14.18 9.32
C PRO A 51 7.59 -14.91 8.00
N GLN A 52 7.37 -16.24 8.04
CA GLN A 52 7.41 -16.99 6.78
C GLN A 52 6.27 -16.57 5.86
N LEU A 53 5.15 -16.13 6.44
CA LEU A 53 4.02 -15.64 5.67
C LEU A 53 4.44 -14.59 4.65
N ASN A 54 4.18 -14.84 3.37
CA ASN A 54 4.45 -13.89 2.28
C ASN A 54 5.87 -13.36 2.36
N SER A 55 6.77 -14.20 2.83
CA SER A 55 8.17 -13.83 3.01
C SER A 55 8.75 -13.26 1.73
N PRO A 56 9.49 -12.16 1.80
CA PRO A 56 10.17 -11.66 0.60
C PRO A 56 11.36 -12.54 0.22
N ASN A 57 11.84 -12.34 -1.01
CA ASN A 57 12.99 -13.09 -1.49
C ASN A 57 14.26 -12.36 -1.05
N PRO A 58 15.10 -12.96 -0.19
CA PRO A 58 16.37 -12.30 0.14
C PRO A 58 17.19 -11.93 -1.09
N SER A 59 17.21 -12.78 -2.12
CA SER A 59 18.03 -12.54 -3.31
C SER A 59 17.65 -11.25 -4.06
N ASP A 60 16.42 -10.75 -3.90
CA ASP A 60 16.04 -9.47 -4.46
C ASP A 60 16.51 -8.29 -3.63
N TYR A 61 17.00 -8.53 -2.41
CA TYR A 61 17.49 -7.47 -1.51
C TYR A 61 18.89 -7.81 -1.02
N PRO A 62 19.87 -7.89 -1.92
CA PRO A 62 21.19 -8.44 -1.52
C PRO A 62 21.90 -7.59 -0.49
N ASN A 63 21.52 -6.34 -0.31
CA ASN A 63 22.18 -5.47 0.66
C ASN A 63 21.57 -5.57 2.05
N LEU A 64 20.50 -6.32 2.20
CA LEU A 64 19.78 -6.48 3.45
C LEU A 64 20.05 -7.88 4.01
N ASN A 65 20.09 -7.96 5.34
CA ASN A 65 20.14 -9.22 6.07
C ASN A 65 18.73 -9.62 6.49
N PHE A 66 18.39 -10.90 6.32
CA PHE A 66 17.03 -11.38 6.53
C PHE A 66 17.02 -12.45 7.62
N GLU A 67 16.11 -12.29 8.58
CA GLU A 67 15.84 -13.31 9.58
C GLU A 67 14.38 -13.67 9.45
N ILE A 68 14.10 -14.94 9.17
CA ILE A 68 12.75 -15.42 8.94
C ILE A 68 12.29 -16.15 10.19
N ILE A 69 11.07 -15.86 10.64
CA ILE A 69 10.54 -16.47 11.86
C ILE A 69 9.31 -17.29 11.52
N PRO A 70 9.05 -18.36 12.28
CA PRO A 70 7.77 -19.06 12.13
C PRO A 70 6.61 -18.15 12.53
N ASP A 71 5.51 -18.24 11.79
CA ASP A 71 4.31 -17.46 12.07
C ASP A 71 3.19 -18.30 12.67
N GLY A 72 3.38 -19.62 12.79
CA GLY A 72 2.42 -20.49 13.45
C GLY A 72 1.01 -20.51 12.90
N PHE A 73 0.85 -20.55 11.58
CA PHE A 73 -0.48 -20.48 10.98
C PHE A 73 -0.93 -21.85 10.47
N PRO A 76 -3.57 -21.53 6.18
CA PRO A 76 -3.63 -20.38 5.26
C PRO A 76 -4.17 -19.14 5.96
N GLN A 77 -5.07 -18.39 5.30
CA GLN A 77 -5.77 -17.25 5.92
C GLN A 77 -6.37 -16.32 4.88
N ARG A 78 -7.64 -15.97 5.06
CA ARG A 78 -8.33 -15.05 4.16
C ARG A 78 -7.97 -13.62 4.49
N THR A 79 -7.79 -12.80 3.46
CA THR A 79 -7.30 -11.45 3.64
C THR A 79 -8.34 -10.38 3.34
N GLY A 80 -9.51 -10.76 2.82
CA GLY A 80 -10.54 -9.80 2.49
C GLY A 80 -11.75 -9.79 3.41
N ILE A 81 -11.79 -10.68 4.38
CA ILE A 81 -12.81 -10.65 5.43
C ILE A 81 -12.11 -10.79 6.76
N LYS A 82 -12.86 -10.49 7.83
CA LYS A 82 -12.38 -10.66 9.21
C LYS A 82 -11.00 -10.05 9.39
N ILE A 83 -10.87 -8.80 8.93
CA ILE A 83 -9.53 -8.23 8.79
C ILE A 83 -8.91 -7.93 10.14
N ILE A 84 -9.68 -7.37 11.09
CA ILE A 84 -9.15 -7.14 12.43
C ILE A 84 -8.69 -8.44 13.07
N GLU A 85 -9.47 -9.51 12.92
CA GLU A 85 -9.05 -10.82 13.43
C GLU A 85 -7.71 -11.25 12.82
N LEU A 86 -7.59 -11.17 11.50
CA LEU A 86 -6.34 -11.60 10.84
C LEU A 86 -5.15 -10.78 11.33
N LEU A 87 -5.32 -9.46 11.40
CA LEU A 87 -4.22 -8.58 11.76
C LEU A 87 -3.84 -8.72 13.23
N SER A 88 -4.84 -8.92 14.12
CA SER A 88 -4.54 -9.31 15.52
C SER A 88 -3.86 -10.67 15.56
N ALA A 89 -4.26 -11.58 14.67
CA ALA A 89 -3.63 -12.89 14.67
C ALA A 89 -2.19 -12.82 14.16
N VAL A 90 -1.91 -11.92 13.22
CA VAL A 90 -0.51 -11.80 12.78
C VAL A 90 0.36 -11.27 13.90
N ASN A 91 -0.12 -10.24 14.61
CA ASN A 91 0.60 -9.71 15.76
C ASN A 91 0.86 -10.81 16.77
N THR A 92 -0.17 -11.59 17.12
CA THR A 92 -0.05 -12.54 18.22
C THR A 92 0.84 -13.73 17.87
N ASN A 93 0.60 -14.36 16.72
CA ASN A 93 1.34 -15.58 16.39
C ASN A 93 2.80 -15.32 16.09
N CYS A 94 3.14 -14.10 15.69
CA CYS A 94 4.52 -13.74 15.42
C CYS A 94 5.24 -13.20 16.64
N GLU A 95 4.51 -12.82 17.69
CA GLU A 95 5.11 -11.98 18.74
C GLU A 95 6.20 -12.73 19.48
N ALA A 96 5.88 -13.90 20.06
CA ALA A 96 6.87 -14.66 20.82
C ALA A 96 8.10 -15.01 19.98
N PRO A 97 7.94 -15.52 18.75
CA PRO A 97 9.13 -15.76 17.90
C PRO A 97 9.92 -14.51 17.58
N LEU A 98 9.23 -13.38 17.40
CA LEU A 98 9.93 -12.12 17.23
C LEU A 98 10.73 -11.77 18.48
N ARG A 99 10.09 -11.84 19.64
CA ARG A 99 10.80 -11.52 20.87
C ARG A 99 12.07 -12.36 20.98
N GLU A 100 11.93 -13.68 20.83
CA GLU A 100 13.10 -14.54 20.97
C GLU A 100 14.14 -14.27 19.90
N CYS A 101 13.74 -13.88 18.69
CA CYS A 101 14.72 -13.65 17.63
C CYS A 101 15.48 -12.34 17.86
N LEU A 102 14.78 -11.30 18.30
CA LEU A 102 15.48 -10.05 18.63
C LEU A 102 16.45 -10.25 19.77
N ALA A 103 16.04 -10.97 20.81
CA ALA A 103 16.93 -11.22 21.94
C ALA A 103 18.16 -12.02 21.52
N ARG A 104 17.95 -13.06 20.71
CA ARG A 104 19.10 -13.81 20.20
C ARG A 104 20.01 -12.91 19.36
N LEU A 105 19.43 -11.97 18.62
CA LEU A 105 20.23 -11.10 17.75
C LEU A 105 21.13 -10.18 18.58
N GLN A 106 20.58 -9.59 19.64
CA GLN A 106 21.41 -8.81 20.56
C GLN A 106 22.50 -9.69 21.16
N ALA A 107 22.11 -10.82 21.74
CA ALA A 107 23.09 -11.70 22.39
C ALA A 107 24.16 -12.15 21.40
N ALA A 108 23.79 -12.46 20.17
CA ALA A 108 24.71 -13.04 19.20
C ALA A 108 25.61 -12.01 18.54
N ASN A 109 25.37 -10.71 18.75
CA ASN A 109 26.24 -9.66 18.24
C ASN A 109 26.31 -8.53 19.26
N PRO A 110 26.78 -8.82 20.47
CA PRO A 110 26.99 -7.74 21.45
C PRO A 110 27.93 -6.69 20.91
N LEU A 111 28.61 -6.99 19.83
CA LEU A 111 29.46 -6.06 19.14
C LEU A 111 28.71 -5.33 18.03
N PRO A 113 25.16 -3.78 18.47
CA PRO A 113 23.93 -3.40 19.15
C PRO A 113 22.91 -2.77 18.20
N ILE A 114 21.63 -3.08 18.40
CA ILE A 114 20.58 -2.58 17.52
C ILE A 114 20.28 -1.14 17.90
N SER A 115 20.49 -0.21 16.97
CA SER A 115 20.28 1.21 17.29
C SER A 115 18.78 1.53 17.45
N CYS A 116 17.93 0.93 16.62
CA CYS A 116 16.54 1.33 16.51
C CYS A 116 15.72 0.18 15.92
N LEU A 117 14.44 0.11 16.28
CA LEU A 117 13.49 -0.75 15.60
C LEU A 117 12.57 0.12 14.74
N ILE A 118 12.40 -0.24 13.48
CA ILE A 118 11.49 0.47 12.58
C ILE A 118 10.36 -0.50 12.22
N THR A 119 9.14 -0.16 12.62
CA THR A 119 8.07 -1.13 12.71
C THR A 119 6.84 -0.66 11.93
N ASP A 120 6.19 -1.60 11.27
CA ASP A 120 4.95 -1.25 10.60
C ASP A 120 3.94 -0.82 11.67
N ALA A 121 3.25 0.29 11.41
CA ALA A 121 2.25 0.80 12.33
C ALA A 121 1.25 -0.27 12.76
N ILE A 122 0.95 -1.23 11.86
CA ILE A 122 -0.03 -2.27 12.17
C ILE A 122 0.52 -3.31 13.16
N LEU A 123 1.84 -3.40 13.32
CA LEU A 123 2.42 -4.34 14.28
C LEU A 123 2.54 -3.66 15.64
N TYR A 124 1.38 -3.43 16.25
CA TYR A 124 1.35 -2.71 17.51
C TYR A 124 1.99 -3.52 18.62
N SER A 125 2.23 -4.81 18.39
CA SER A 125 2.89 -5.64 19.37
C SER A 125 4.35 -5.28 19.56
N THR A 126 4.92 -4.47 18.64
CA THR A 126 6.35 -4.17 18.74
C THR A 126 6.66 -3.15 19.80
N GLN A 127 5.65 -2.47 20.33
CA GLN A 127 5.87 -1.51 21.40
C GLN A 127 6.37 -2.19 22.67
N THR A 128 5.63 -3.19 23.15
CA THR A 128 6.09 -3.91 24.34
C THR A 128 7.43 -4.58 24.10
N ILE A 129 7.59 -5.21 22.92
CA ILE A 129 8.88 -5.80 22.57
C ILE A 129 10.00 -4.78 22.66
N ALA A 130 9.79 -3.56 22.14
CA ALA A 130 10.86 -2.58 22.15
C ALA A 130 11.14 -2.07 23.56
N GLU A 131 10.09 -1.88 24.36
CA GLU A 131 10.30 -1.40 25.72
C GLU A 131 11.08 -2.41 26.55
N ASP A 132 10.77 -3.71 26.40
CA ASP A 132 11.48 -4.73 27.17
C ASP A 132 12.95 -4.80 26.78
N LEU A 133 13.27 -4.62 25.49
CA LEU A 133 14.65 -4.64 25.04
C LEU A 133 15.32 -3.28 25.19
N GLY A 134 14.66 -2.30 25.78
CA GLY A 134 15.19 -0.94 25.80
C GLY A 134 15.54 -0.42 24.43
N LEU A 135 14.77 -0.77 23.42
CA LEU A 135 15.17 -0.23 22.13
C LEU A 135 14.22 0.87 21.69
N PRO A 136 14.72 1.93 21.04
CA PRO A 136 13.82 2.94 20.50
C PRO A 136 13.09 2.46 19.26
N ARG A 137 11.88 2.93 19.12
CA ARG A 137 11.01 2.57 17.99
C ARG A 137 10.72 3.77 17.08
N ILE A 138 10.72 3.51 15.77
CA ILE A 138 10.16 4.45 14.79
C ILE A 138 9.07 3.71 14.03
N VAL A 139 7.91 4.33 13.89
CA VAL A 139 6.78 3.69 13.23
C VAL A 139 6.70 4.16 11.79
N LEU A 140 6.62 3.20 10.87
CA LEU A 140 6.31 3.45 9.47
C LEU A 140 4.82 3.22 9.24
N ARG A 141 4.15 4.23 8.71
CA ARG A 141 2.75 4.09 8.32
C ARG A 141 2.69 3.88 6.81
N THR A 142 2.16 2.74 6.38
CA THR A 142 2.16 2.40 4.96
C THR A 142 0.87 2.79 4.25
N SER A 143 -0.15 3.20 4.99
CA SER A 143 -1.37 3.70 4.40
C SER A 143 -1.22 5.18 4.05
N SER A 144 -2.23 5.74 3.40
CA SER A 144 -2.19 7.16 3.08
C SER A 144 -2.16 8.01 4.36
N PRO A 145 -1.33 9.06 4.42
CA PRO A 145 -1.40 9.98 5.57
C PRO A 145 -2.79 10.55 5.79
N PHE A 146 -3.54 10.83 4.73
CA PHE A 146 -4.89 11.34 4.94
C PHE A 146 -5.72 10.36 5.77
N SER A 147 -5.58 9.05 5.49
CA SER A 147 -6.35 8.07 6.24
C SER A 147 -6.04 8.12 7.72
N PHE A 148 -4.79 8.43 8.11
CA PHE A 148 -4.48 8.56 9.53
C PHE A 148 -5.39 9.58 10.21
N LEU A 149 -5.65 10.71 9.55
CA LEU A 149 -6.53 11.72 10.15
C LEU A 149 -7.89 11.12 10.50
N ALA A 150 -8.44 10.29 9.60
CA ALA A 150 -9.69 9.61 9.88
C ALA A 150 -9.56 8.70 11.09
N PHE A 151 -8.51 7.86 11.10
CA PHE A 151 -8.30 6.97 12.24
C PHE A 151 -8.16 7.73 13.54
N ALA A 152 -7.46 8.87 13.52
CA ALA A 152 -7.21 9.62 14.75
C ALA A 152 -8.50 10.15 15.37
N MET A 153 -9.46 10.57 14.55
CA MET A 153 -10.68 11.17 15.03
C MET A 153 -11.88 10.23 14.86
N TYR A 154 -11.62 8.92 14.84
CA TYR A 154 -12.68 7.95 14.59
C TYR A 154 -13.83 8.07 15.58
N SER A 155 -13.53 8.10 16.88
CA SER A 155 -14.62 8.19 17.85
C SER A 155 -15.33 9.54 17.76
N HIS A 156 -14.64 10.59 17.34
CA HIS A 156 -15.34 11.84 17.05
C HIS A 156 -16.29 11.69 15.88
N LEU A 157 -15.95 10.87 14.88
CA LEU A 157 -16.87 10.69 13.76
C LEU A 157 -18.09 9.89 14.22
N LYS A 158 -17.89 8.91 15.09
CA LYS A 158 -19.04 8.26 15.71
C LYS A 158 -19.89 9.28 16.46
N ALA A 159 -19.23 10.19 17.20
CA ALA A 159 -19.96 11.13 18.04
C ALA A 159 -20.93 11.98 17.23
N LYS A 160 -20.47 12.51 16.11
CA LYS A 160 -21.27 13.38 15.28
C LYS A 160 -22.31 12.63 14.45
N GLY A 161 -22.47 11.32 14.67
CA GLY A 161 -23.45 10.55 13.93
C GLY A 161 -23.11 10.25 12.49
N TYR A 162 -21.84 10.38 12.09
CA TYR A 162 -21.44 9.89 10.78
C TYR A 162 -21.48 8.36 10.73
N LEU A 163 -21.03 7.73 11.80
CA LEU A 163 -21.03 6.28 11.88
C LEU A 163 -22.03 5.81 12.93
N PRO A 164 -22.56 4.59 12.79
CA PRO A 164 -22.27 3.68 11.67
C PRO A 164 -23.03 4.04 10.38
N ILE A 165 -22.72 3.31 9.31
CA ILE A 165 -23.38 3.42 8.00
C ILE A 165 -22.46 4.21 7.08
N SER A 170 -24.87 8.33 3.40
CA SER A 170 -23.83 7.51 2.77
C SER A 170 -23.00 8.40 1.84
N GLU A 171 -23.66 9.36 1.20
CA GLU A 171 -22.95 10.38 0.44
C GLU A 171 -22.85 11.70 1.18
N ILE A 172 -23.30 11.74 2.45
CA ILE A 172 -23.18 12.96 3.23
C ILE A 172 -21.71 13.36 3.36
N SER A 173 -21.44 14.67 3.17
CA SER A 173 -20.10 15.20 3.32
C SER A 173 -19.63 15.07 4.76
N VAL A 174 -18.44 14.50 4.96
CA VAL A 174 -17.80 14.54 6.28
C VAL A 174 -17.07 15.88 6.35
N VAL A 175 -17.71 16.86 7.01
CA VAL A 175 -17.21 18.22 6.88
C VAL A 175 -15.82 18.35 7.50
N GLU A 176 -15.53 17.55 8.54
CA GLU A 176 -14.20 17.61 9.13
C GLU A 176 -13.11 17.11 8.20
N LEU A 177 -13.45 16.34 7.16
CA LEU A 177 -12.46 15.61 6.36
C LEU A 177 -12.79 15.72 4.88
N PRO A 178 -12.87 16.93 4.36
CA PRO A 178 -13.14 17.09 2.93
C PRO A 178 -11.97 16.59 2.13
N PRO A 179 -12.20 15.98 0.96
CA PRO A 179 -13.52 15.77 0.34
C PRO A 179 -14.28 14.49 0.71
N LEU A 180 -13.99 13.84 1.84
CA LEU A 180 -14.57 12.54 2.13
C LEU A 180 -16.06 12.64 2.38
N ARG A 181 -16.79 11.63 1.92
CA ARG A 181 -18.15 11.34 2.33
C ARG A 181 -18.17 10.18 3.33
N VAL A 182 -19.34 9.97 3.94
CA VAL A 182 -19.49 8.86 4.88
C VAL A 182 -19.02 7.54 4.25
N LYS A 183 -19.46 7.28 3.02
CA LYS A 183 -19.10 6.02 2.37
C LYS A 183 -17.60 5.90 2.10
N ASP A 184 -16.86 7.00 2.15
CA ASP A 184 -15.41 6.97 1.96
C ASP A 184 -14.63 6.71 3.23
N LEU A 185 -15.29 6.76 4.39
CA LEU A 185 -14.56 6.64 5.65
C LEU A 185 -13.93 5.25 5.72
N PRO A 186 -12.75 5.12 6.32
CA PRO A 186 -12.04 3.84 6.26
C PRO A 186 -12.69 2.82 7.17
N GLY A 187 -12.83 1.59 6.65
CA GLY A 187 -13.45 0.49 7.38
C GLY A 187 -13.17 -0.86 6.77
N TYR A 188 -13.56 -1.90 7.52
CA TYR A 188 -13.42 -3.31 7.15
C TYR A 188 -14.78 -3.99 7.02
N PRO A 189 -14.90 -4.99 6.15
CA PRO A 189 -16.21 -5.63 5.94
C PRO A 189 -16.78 -6.22 7.22
N ASN A 190 -18.10 -6.08 7.39
CA ASN A 190 -18.83 -6.80 8.43
C ASN A 190 -18.23 -6.55 9.82
N THR A 191 -17.95 -5.27 10.10
CA THR A 191 -17.24 -4.90 11.31
C THR A 191 -17.91 -3.70 11.93
N ASP A 192 -18.20 -3.79 13.23
CA ASP A 192 -18.95 -2.79 14.00
C ASP A 192 -18.07 -1.59 14.34
N VAL A 193 -18.70 -0.45 14.55
CA VAL A 193 -17.96 0.76 14.90
C VAL A 193 -17.06 0.50 16.11
N ASN A 194 -17.59 -0.20 17.11
CA ASN A 194 -16.85 -0.42 18.36
C ASN A 194 -15.57 -1.20 18.13
N ALA A 195 -15.64 -2.27 17.31
CA ALA A 195 -14.43 -3.00 16.96
C ALA A 195 -13.45 -2.10 16.19
N HIS A 196 -13.96 -1.27 15.28
CA HIS A 196 -13.11 -0.33 14.56
C HIS A 196 -12.43 0.63 15.53
N SER A 197 -13.18 1.17 16.49
CA SER A 197 -12.61 2.15 17.41
C SER A 197 -11.54 1.54 18.28
N GLN A 198 -11.77 0.33 18.77
CA GLN A 198 -10.76 -0.42 19.53
C GLN A 198 -9.48 -0.57 18.73
N PHE A 199 -9.59 -1.14 17.53
CA PHE A 199 -8.43 -1.42 16.70
C PHE A 199 -7.69 -0.12 16.33
N PHE A 200 -8.40 0.82 15.70
CA PHE A 200 -7.78 2.06 15.24
C PHE A 200 -7.13 2.83 16.40
N GLU A 201 -7.75 2.79 17.58
CA GLU A 201 -7.17 3.49 18.74
C GLU A 201 -5.87 2.84 19.19
N LYS A 202 -5.77 1.52 19.05
CA LYS A 202 -4.55 0.80 19.37
C LYS A 202 -3.41 1.18 18.41
N ILE A 203 -3.68 1.16 17.10
CA ILE A 203 -2.66 1.55 16.14
C ILE A 203 -2.27 3.02 16.30
N VAL A 204 -3.26 3.88 16.48
CA VAL A 204 -2.98 5.30 16.66
C VAL A 204 -2.10 5.50 17.88
N ASN A 205 -2.44 4.83 18.97
CA ASN A 205 -1.71 5.01 20.23
C ASN A 205 -0.28 4.51 20.11
N THR A 206 -0.09 3.33 19.52
CA THR A 206 1.27 2.82 19.44
C THR A 206 2.10 3.50 18.37
N THR A 207 1.46 4.22 17.42
CA THR A 207 2.21 5.14 16.57
C THR A 207 2.64 6.38 17.36
N ARG A 208 1.72 6.96 18.13
CA ARG A 208 2.02 8.19 18.87
C ARG A 208 3.05 7.97 19.99
N SER A 209 3.21 6.74 20.47
CA SER A 209 4.17 6.44 21.53
C SER A 209 5.59 6.21 21.01
N ALA A 210 5.80 6.17 19.69
CA ALA A 210 7.14 5.97 19.15
C ALA A 210 7.95 7.26 19.24
N THR A 211 9.22 7.20 18.81
CA THR A 211 10.07 8.39 18.79
C THR A 211 9.78 9.26 17.59
N ALA A 212 9.13 8.73 16.57
CA ALA A 212 8.88 9.44 15.32
C ALA A 212 7.99 8.56 14.46
N VAL A 213 7.44 9.17 13.41
CA VAL A 213 6.57 8.48 12.47
C VAL A 213 7.04 8.82 11.07
N ILE A 214 7.25 7.80 10.25
CA ILE A 214 7.56 7.95 8.83
C ILE A 214 6.26 7.81 8.03
N LEU A 215 6.06 8.73 7.10
CA LEU A 215 4.92 8.70 6.22
C LEU A 215 5.42 8.60 4.78
N ASN A 216 4.75 7.74 4.01
CA ASN A 216 5.15 7.49 2.62
C ASN A 216 4.37 8.43 1.69
N SER A 217 4.75 9.69 1.77
CA SER A 217 4.15 10.73 0.95
C SER A 217 5.11 11.92 1.00
N SER A 218 4.74 12.99 0.31
CA SER A 218 5.55 14.21 0.26
C SER A 218 4.79 15.37 0.87
N ASP A 219 5.54 16.42 1.22
CA ASP A 219 4.93 17.67 1.69
C ASP A 219 3.88 18.18 0.72
N HIS A 220 4.16 18.06 -0.57
CA HIS A 220 3.29 18.60 -1.61
C HIS A 220 2.03 17.77 -1.79
N LEU A 221 2.15 16.43 -1.80
CA LEU A 221 0.96 15.59 -1.90
C LEU A 221 0.03 15.80 -0.73
N GLU A 222 0.57 16.11 0.45
CA GLU A 222 -0.22 16.27 1.65
C GLU A 222 -0.53 17.73 1.98
N ARG A 223 -0.30 18.65 1.03
CA ARG A 223 -0.28 20.08 1.38
C ARG A 223 -1.58 20.52 2.05
N ALA A 224 -2.71 19.96 1.63
CA ALA A 224 -4.00 20.41 2.14
C ALA A 224 -4.19 20.10 3.63
N ILE A 225 -3.50 19.09 4.16
CA ILE A 225 -3.72 18.61 5.51
C ILE A 225 -2.48 18.66 6.37
N LEU A 226 -1.38 19.21 5.83
CA LEU A 226 -0.08 19.08 6.49
C LEU A 226 -0.07 19.66 7.89
N PRO A 227 -0.50 20.90 8.11
CA PRO A 227 -0.60 21.40 9.50
C PRO A 227 -1.43 20.48 10.37
N GLU A 228 -2.58 20.04 9.88
CA GLU A 228 -3.42 19.14 10.67
C GLU A 228 -2.67 17.87 11.06
N LEU A 229 -1.92 17.30 10.13
CA LEU A 229 -1.19 16.07 10.39
C LEU A 229 -0.23 16.23 11.56
N HIS A 230 0.55 17.32 11.56
CA HIS A 230 1.54 17.54 12.61
C HIS A 230 0.89 17.62 13.98
N ARG A 231 -0.31 18.20 14.03
CA ARG A 231 -1.01 18.43 15.28
C ARG A 231 -1.59 17.15 15.86
N GLU A 232 -1.73 16.11 15.04
CA GLU A 232 -2.26 14.85 15.54
C GLU A 232 -1.17 13.91 16.04
N PHE A 233 0.09 14.35 16.05
CA PHE A 233 1.21 13.54 16.52
C PHE A 233 2.02 14.33 17.55
N PRO A 234 2.20 13.82 18.77
CA PRO A 234 3.07 14.51 19.72
C PRO A 234 4.55 14.41 19.38
N ILE A 235 4.89 13.82 18.23
CA ILE A 235 6.26 13.44 17.89
C ILE A 235 6.56 13.86 16.47
N PRO A 236 7.84 13.89 16.09
CA PRO A 236 8.21 14.31 14.74
C PRO A 236 7.71 13.34 13.68
N ILE A 237 7.42 13.90 12.52
CA ILE A 237 6.83 13.23 11.35
C ILE A 237 7.78 13.44 10.18
N PHE A 238 8.08 12.36 9.45
CA PHE A 238 8.94 12.49 8.27
C PHE A 238 8.19 12.09 7.01
N PHE A 239 8.08 13.02 6.07
CA PHE A 239 7.42 12.79 4.80
C PHE A 239 8.51 12.47 3.80
N VAL A 240 8.82 11.18 3.70
CA VAL A 240 9.94 10.71 2.89
C VAL A 240 9.52 10.17 1.53
N GLY A 241 8.22 10.10 1.24
CA GLY A 241 7.77 9.47 0.02
C GLY A 241 7.61 10.45 -1.14
N PRO A 242 7.15 9.92 -2.30
CA PRO A 242 6.78 8.51 -2.51
C PRO A 242 8.00 7.59 -2.54
N LEU A 243 7.98 6.57 -1.68
CA LEU A 243 9.16 5.71 -1.56
C LEU A 243 9.41 4.89 -2.81
N CYS A 244 8.39 4.66 -3.63
CA CYS A 244 8.62 3.90 -4.84
C CYS A 244 9.51 4.63 -5.81
N LYS A 245 9.61 5.98 -5.72
CA LYS A 245 10.51 6.72 -6.61
C LYS A 245 11.98 6.48 -6.28
N SER A 246 12.29 5.75 -5.22
CA SER A 246 13.69 5.47 -4.87
C SER A 246 14.31 4.36 -5.72
N SER A 252 13.88 -6.78 -10.77
CA SER A 252 14.67 -7.26 -9.66
C SER A 252 15.99 -7.84 -10.17
N ASN A 253 16.33 -9.05 -9.69
CA ASN A 253 17.42 -9.84 -10.22
C ASN A 253 16.94 -10.94 -11.14
N ARG A 254 15.63 -11.15 -11.21
CA ARG A 254 15.00 -12.17 -12.04
C ARG A 254 13.48 -12.06 -11.96
N LEU A 255 12.82 -11.98 -13.11
CA LEU A 255 11.37 -11.94 -13.18
C LEU A 255 10.82 -13.36 -13.32
N SER A 256 9.69 -13.62 -12.66
CA SER A 256 8.98 -14.87 -12.86
C SER A 256 8.47 -14.96 -14.29
N GLU A 257 7.99 -16.15 -14.66
CA GLU A 257 7.42 -16.33 -15.98
C GLU A 257 6.27 -15.33 -16.20
N ASN A 258 5.37 -15.23 -15.21
CA ASN A 258 4.20 -14.37 -15.36
C ASN A 258 4.59 -12.90 -15.46
N GLU A 259 5.59 -12.49 -14.69
CA GLU A 259 6.00 -11.09 -14.73
C GLU A 259 6.68 -10.73 -16.05
N GLN A 260 7.52 -11.62 -16.58
CA GLN A 260 8.26 -11.32 -17.80
C GLN A 260 7.34 -11.30 -19.02
N SER A 261 6.28 -12.13 -19.01
CA SER A 261 5.30 -12.10 -20.09
C SER A 261 4.51 -10.79 -20.10
N CYS A 262 4.37 -10.16 -18.93
CA CYS A 262 3.75 -8.85 -18.85
C CYS A 262 4.47 -7.85 -19.73
N LEU A 263 5.81 -7.83 -19.63
CA LEU A 263 6.61 -6.85 -20.35
C LEU A 263 6.67 -7.18 -21.84
N ASP A 264 6.81 -8.47 -22.19
CA ASP A 264 6.87 -8.83 -23.60
C ASP A 264 5.54 -8.55 -24.28
N TRP A 265 4.44 -8.75 -23.56
CA TRP A 265 3.15 -8.47 -24.15
C TRP A 265 2.94 -6.96 -24.33
N LEU A 266 3.34 -6.14 -23.34
CA LEU A 266 3.18 -4.69 -23.47
C LEU A 266 3.98 -4.12 -24.62
N ASP A 267 5.20 -4.66 -24.84
CA ASP A 267 6.03 -4.20 -25.94
C ASP A 267 5.32 -4.31 -27.28
N LYS A 268 4.33 -5.20 -27.41
CA LYS A 268 3.56 -5.37 -28.63
C LYS A 268 2.37 -4.42 -28.74
N GLN A 269 2.09 -3.63 -27.72
CA GLN A 269 0.86 -2.86 -27.67
C GLN A 269 1.10 -1.38 -27.97
N GLU A 270 0.04 -0.73 -28.45
CA GLU A 270 0.13 0.67 -28.83
C GLU A 270 0.37 1.55 -27.61
N SER A 271 1.13 2.63 -27.83
CA SER A 271 1.44 3.54 -26.72
C SER A 271 0.17 4.01 -26.07
N ARG A 272 0.15 3.97 -24.73
CA ARG A 272 -0.93 4.41 -23.83
C ARG A 272 -2.26 3.71 -24.09
N SER A 273 -2.27 2.59 -24.83
CA SER A 273 -3.54 1.94 -25.12
C SER A 273 -3.97 0.93 -24.08
N VAL A 274 -3.07 0.52 -23.18
CA VAL A 274 -3.38 -0.60 -22.29
C VAL A 274 -3.93 -0.08 -20.99
N LEU A 275 -4.99 -0.75 -20.52
CA LEU A 275 -5.50 -0.60 -19.17
C LEU A 275 -4.92 -1.72 -18.31
N TYR A 276 -4.08 -1.37 -17.35
CA TYR A 276 -3.53 -2.34 -16.40
C TYR A 276 -4.51 -2.47 -15.24
N VAL A 277 -4.85 -3.69 -14.88
CA VAL A 277 -5.86 -3.98 -13.88
C VAL A 277 -5.24 -4.86 -12.80
N SER A 278 -5.27 -4.38 -11.57
CA SER A 278 -4.73 -5.11 -10.44
C SER A 278 -5.34 -4.54 -9.18
N PHE A 279 -5.80 -5.43 -8.29
CA PHE A 279 -6.43 -5.03 -7.03
C PHE A 279 -5.55 -5.31 -5.80
N GLY A 280 -4.23 -5.25 -5.96
CA GLY A 280 -3.32 -5.39 -4.83
C GLY A 280 -3.05 -6.84 -4.48
N SER A 281 -2.55 -7.04 -3.25
CA SER A 281 -2.09 -8.33 -2.77
C SER A 281 -3.04 -9.03 -1.80
N VAL A 282 -4.06 -8.35 -1.30
CA VAL A 282 -4.89 -8.93 -0.23
C VAL A 282 -6.38 -8.82 -0.48
N THR A 283 -6.88 -7.97 -1.37
CA THR A 283 -8.34 -7.91 -1.51
C THR A 283 -8.88 -9.16 -2.20
N GLU A 284 -10.16 -9.44 -1.98
CA GLU A 284 -10.83 -10.66 -2.46
C GLU A 284 -12.12 -10.31 -3.19
N MET A 285 -12.54 -11.23 -4.06
CA MET A 285 -13.80 -11.13 -4.80
C MET A 285 -14.48 -12.50 -4.87
N GLU A 286 -15.79 -12.49 -5.10
CA GLU A 286 -16.50 -13.71 -5.43
C GLU A 286 -16.59 -13.85 -6.95
N GLU A 287 -16.93 -15.07 -7.37
CA GLU A 287 -17.05 -15.38 -8.80
C GLU A 287 -17.88 -14.34 -9.54
N ALA A 288 -18.95 -13.84 -8.93
CA ALA A 288 -19.90 -13.03 -9.69
C ALA A 288 -19.32 -11.65 -9.97
N ASP A 289 -18.62 -11.07 -8.98
CA ASP A 289 -17.96 -9.79 -9.21
C ASP A 289 -16.88 -9.91 -10.26
N LEU A 290 -16.15 -11.04 -10.24
CA LEU A 290 -15.11 -11.24 -11.24
C LEU A 290 -15.70 -11.35 -12.64
N ALA A 291 -16.88 -11.95 -12.77
CA ALA A 291 -17.54 -12.03 -14.08
C ALA A 291 -17.90 -10.65 -14.60
N GLU A 292 -18.46 -9.81 -13.72
CA GLU A 292 -18.82 -8.45 -14.14
C GLU A 292 -17.58 -7.66 -14.54
N THR A 293 -16.51 -7.75 -13.72
CA THR A 293 -15.23 -7.20 -14.11
C THR A 293 -14.88 -7.65 -15.51
N ALA A 294 -14.88 -8.97 -15.71
CA ALA A 294 -14.41 -9.54 -16.95
C ALA A 294 -15.25 -9.06 -18.13
N TRP A 295 -16.58 -9.09 -18.00
CA TRP A 295 -17.41 -8.67 -19.14
C TRP A 295 -17.37 -7.15 -19.31
N GLY A 296 -17.29 -6.41 -18.21
CA GLY A 296 -17.04 -4.99 -18.35
C GLY A 296 -15.75 -4.70 -19.08
N LEU A 297 -14.69 -5.44 -18.74
CA LEU A 297 -13.41 -5.29 -19.41
C LEU A 297 -13.52 -5.63 -20.88
N ALA A 298 -14.09 -6.81 -21.18
CA ALA A 298 -14.23 -7.26 -22.56
C ALA A 298 -15.10 -6.30 -23.37
N ASN A 299 -16.25 -5.89 -22.80
CA ASN A 299 -17.16 -5.01 -23.55
C ASN A 299 -16.56 -3.64 -23.80
N SER A 300 -15.69 -3.15 -22.89
CA SER A 300 -15.05 -1.86 -23.13
C SER A 300 -14.14 -1.90 -24.35
N GLU A 301 -13.76 -3.10 -24.81
CA GLU A 301 -12.88 -3.31 -25.97
C GLU A 301 -11.51 -2.67 -25.82
N GLN A 302 -11.12 -2.24 -24.62
CA GLN A 302 -9.80 -1.69 -24.40
C GLN A 302 -8.77 -2.82 -24.26
N PRO A 303 -7.57 -2.66 -24.80
CA PRO A 303 -6.48 -3.59 -24.45
C PRO A 303 -6.25 -3.57 -22.94
N PHE A 304 -5.94 -4.74 -22.37
CA PHE A 304 -5.81 -4.79 -20.92
C PHE A 304 -4.79 -5.85 -20.52
N LEU A 305 -4.03 -5.54 -19.46
CA LEU A 305 -3.19 -6.51 -18.76
C LEU A 305 -3.84 -6.71 -17.40
N TRP A 306 -4.38 -7.88 -17.16
CA TRP A 306 -5.20 -8.14 -15.98
C TRP A 306 -4.46 -9.10 -15.05
N VAL A 307 -4.21 -8.65 -13.83
CA VAL A 307 -3.63 -9.50 -12.79
C VAL A 307 -4.78 -10.12 -12.00
N ILE A 308 -4.86 -11.45 -12.02
CA ILE A 308 -5.78 -12.21 -11.19
C ILE A 308 -4.91 -13.07 -10.30
N ARG A 309 -4.55 -12.56 -9.13
CA ARG A 309 -3.61 -13.25 -8.30
C ARG A 309 -4.25 -14.53 -7.75
N PRO A 310 -3.44 -15.56 -7.49
CA PRO A 310 -3.95 -16.73 -6.75
C PRO A 310 -4.42 -16.30 -5.37
N GLY A 311 -5.70 -16.51 -5.11
CA GLY A 311 -6.32 -16.07 -3.86
C GLY A 311 -7.26 -14.89 -4.01
N LEU A 312 -7.29 -14.20 -5.16
CA LEU A 312 -8.26 -13.11 -5.33
C LEU A 312 -9.68 -13.62 -5.16
N VAL A 313 -10.02 -14.71 -5.84
CA VAL A 313 -11.41 -15.20 -5.92
C VAL A 313 -11.62 -16.25 -4.85
N THR A 314 -12.57 -15.99 -3.96
CA THR A 314 -12.81 -16.84 -2.81
C THR A 314 -14.03 -17.72 -3.01
N GLY A 315 -14.03 -18.87 -2.30
CA GLY A 315 -15.20 -19.71 -2.23
C GLY A 315 -15.73 -20.21 -3.55
N SER A 316 -14.90 -20.22 -4.58
CA SER A 316 -15.36 -20.77 -5.84
C SER A 316 -15.02 -22.26 -5.92
N GLU A 317 -15.66 -22.94 -6.85
CA GLU A 317 -15.36 -24.33 -7.12
C GLU A 317 -14.64 -24.53 -8.43
N ARG A 318 -14.55 -23.49 -9.26
CA ARG A 318 -13.79 -23.52 -10.50
C ARG A 318 -12.34 -23.12 -10.24
N THR A 319 -11.49 -23.41 -11.22
CA THR A 319 -10.06 -23.19 -11.11
C THR A 319 -9.65 -21.84 -11.70
N TRP A 320 -8.53 -21.33 -11.19
CA TRP A 320 -7.91 -20.15 -11.77
C TRP A 320 -7.93 -20.25 -13.29
N PRO A 321 -8.15 -19.15 -14.01
CA PRO A 321 -8.31 -17.80 -13.47
C PRO A 321 -9.77 -17.46 -13.20
N HIS A 322 -10.63 -18.48 -13.11
CA HIS A 322 -12.05 -18.30 -12.78
C HIS A 322 -12.76 -17.41 -13.80
N LEU A 323 -12.33 -17.48 -15.08
CA LEU A 323 -12.96 -16.48 -15.92
C LEU A 323 -14.16 -17.09 -16.65
N PRO A 324 -15.18 -16.28 -16.96
CA PRO A 324 -16.36 -16.86 -17.62
C PRO A 324 -15.98 -17.48 -18.95
N GLU A 325 -16.73 -18.51 -19.33
CA GLU A 325 -16.54 -19.13 -20.63
C GLU A 325 -16.78 -18.09 -21.72
N GLY A 326 -15.98 -18.20 -22.79
CA GLY A 326 -16.06 -17.25 -23.87
C GLY A 326 -15.23 -15.99 -23.69
N PHE A 327 -14.76 -15.71 -22.47
CA PHE A 327 -14.04 -14.46 -22.26
C PHE A 327 -12.75 -14.44 -23.07
N ALA A 328 -11.92 -15.46 -22.89
CA ALA A 328 -10.66 -15.53 -23.64
C ALA A 328 -10.91 -15.40 -25.14
N GLU A 329 -11.96 -16.04 -25.63
CA GLU A 329 -12.29 -15.97 -27.05
C GLU A 329 -12.63 -14.55 -27.47
N LYS A 330 -13.56 -13.91 -26.75
CA LYS A 330 -13.94 -12.55 -27.12
C LYS A 330 -12.80 -11.55 -27.02
N THR A 331 -11.74 -11.84 -26.25
CA THR A 331 -10.70 -10.85 -25.99
C THR A 331 -9.35 -11.24 -26.56
N LYS A 332 -9.23 -12.41 -27.19
CA LYS A 332 -8.00 -12.79 -27.87
C LYS A 332 -7.40 -11.62 -28.63
N GLY A 333 -6.11 -11.39 -28.46
CA GLY A 333 -5.43 -10.27 -29.06
C GLY A 333 -5.53 -8.98 -28.27
N LYS A 334 -6.64 -8.75 -27.56
CA LYS A 334 -6.83 -7.51 -26.80
C LYS A 334 -6.31 -7.59 -25.37
N GLY A 335 -6.33 -8.77 -24.74
CA GLY A 335 -6.04 -8.89 -23.33
C GLY A 335 -4.95 -9.89 -23.02
N TRP A 336 -4.41 -9.76 -21.80
CA TRP A 336 -3.40 -10.66 -21.26
C TRP A 336 -3.68 -10.81 -19.78
N VAL A 337 -3.82 -12.04 -19.32
CA VAL A 337 -4.17 -12.35 -17.93
C VAL A 337 -3.00 -13.07 -17.29
N VAL A 338 -2.61 -12.63 -16.10
CA VAL A 338 -1.47 -13.20 -15.40
C VAL A 338 -1.79 -13.28 -13.92
N LYS A 339 -0.90 -13.94 -13.18
CA LYS A 339 -1.09 -14.13 -11.75
C LYS A 339 -0.38 -13.07 -10.94
N TRP A 340 0.57 -12.38 -11.55
CA TRP A 340 1.33 -11.35 -10.87
C TRP A 340 1.99 -10.49 -11.93
N ALA A 341 2.06 -9.19 -11.66
CA ALA A 341 2.73 -8.32 -12.60
C ALA A 341 3.88 -7.59 -11.91
N PRO A 342 4.92 -7.25 -12.66
CA PRO A 342 5.98 -6.39 -12.09
C PRO A 342 5.43 -4.97 -12.18
N GLN A 343 4.61 -4.63 -11.18
CA GLN A 343 3.70 -3.50 -11.32
C GLN A 343 4.43 -2.22 -11.65
N GLN A 344 5.52 -1.93 -10.95
CA GLN A 344 6.15 -0.63 -11.16
C GLN A 344 6.76 -0.53 -12.56
N LYS A 345 7.26 -1.64 -13.11
CA LYS A 345 7.75 -1.63 -14.49
C LYS A 345 6.61 -1.56 -15.48
N VAL A 346 5.52 -2.29 -15.20
CA VAL A 346 4.32 -2.18 -16.02
C VAL A 346 3.86 -0.73 -16.11
N LEU A 347 3.81 -0.04 -14.95
CA LEU A 347 3.20 1.28 -14.91
C LEU A 347 4.02 2.34 -15.65
N VAL A 348 5.35 2.20 -15.69
CA VAL A 348 6.14 3.16 -16.49
C VAL A 348 6.24 2.74 -17.95
N HIS A 349 5.60 1.63 -18.34
CA HIS A 349 5.72 1.11 -19.70
C HIS A 349 4.91 1.97 -20.66
N PRO A 350 5.48 2.36 -21.80
CA PRO A 350 4.80 3.34 -22.67
C PRO A 350 3.42 2.90 -23.16
N ALA A 351 3.15 1.58 -23.18
CA ALA A 351 1.86 1.08 -23.65
C ALA A 351 0.74 1.27 -22.64
N VAL A 352 1.08 1.46 -21.35
CA VAL A 352 0.07 1.53 -20.30
C VAL A 352 -0.48 2.94 -20.25
N GLY A 353 -1.80 3.08 -20.42
CA GLY A 353 -2.42 4.37 -20.49
C GLY A 353 -3.43 4.62 -19.38
N GLY A 354 -3.82 3.56 -18.67
CA GLY A 354 -4.69 3.71 -17.51
C GLY A 354 -4.49 2.56 -16.56
N PHE A 355 -5.07 2.71 -15.36
CA PHE A 355 -4.81 1.81 -14.24
C PHE A 355 -6.10 1.66 -13.44
N TRP A 356 -6.69 0.48 -13.48
CA TRP A 356 -7.84 0.17 -12.65
C TRP A 356 -7.27 -0.46 -11.39
N THR A 357 -7.35 0.26 -10.28
CA THR A 357 -6.76 -0.13 -9.02
C THR A 357 -7.83 -0.25 -7.95
N HIS A 358 -7.47 -0.92 -6.85
CA HIS A 358 -8.26 -0.86 -5.63
C HIS A 358 -7.89 0.34 -4.76
N ALA A 359 -6.96 1.17 -5.22
CA ALA A 359 -6.56 2.39 -4.52
C ALA A 359 -5.85 2.08 -3.20
N GLY A 360 -5.17 0.93 -3.10
CA GLY A 360 -4.17 0.79 -2.07
C GLY A 360 -3.15 1.90 -2.20
N TRP A 361 -2.53 2.29 -1.07
CA TRP A 361 -1.72 3.50 -1.11
C TRP A 361 -0.51 3.34 -2.03
N ASN A 362 0.15 2.17 -1.99
CA ASN A 362 1.29 1.96 -2.87
C ASN A 362 0.91 2.09 -4.33
N SER A 363 -0.23 1.51 -4.71
CA SER A 363 -0.64 1.53 -6.10
C SER A 363 -1.07 2.93 -6.51
N THR A 364 -1.74 3.66 -5.60
CA THR A 364 -2.05 5.07 -5.84
C THR A 364 -0.77 5.86 -6.10
N LEU A 365 0.22 5.74 -5.21
CA LEU A 365 1.46 6.45 -5.40
C LEU A 365 2.14 6.02 -6.69
N GLU A 366 2.14 4.72 -6.98
CA GLU A 366 2.84 4.24 -8.16
C GLU A 366 2.17 4.76 -9.43
N GLY A 367 0.84 4.87 -9.43
CA GLY A 367 0.17 5.47 -10.56
C GLY A 367 0.50 6.95 -10.69
N ILE A 368 0.52 7.67 -9.58
CA ILE A 368 0.90 9.08 -9.58
C ILE A 368 2.33 9.26 -10.10
N CYS A 369 3.27 8.46 -9.57
CA CYS A 369 4.68 8.54 -9.98
C CYS A 369 4.90 8.20 -11.43
N SER A 370 3.98 7.48 -12.05
CA SER A 370 4.13 7.07 -13.44
C SER A 370 3.29 7.92 -14.37
N GLY A 371 2.52 8.87 -13.84
CA GLY A 371 1.63 9.70 -14.61
C GLY A 371 0.45 8.97 -15.21
N VAL A 372 0.06 7.82 -14.67
CA VAL A 372 -0.97 6.98 -15.27
C VAL A 372 -2.30 7.31 -14.61
N PRO A 373 -3.29 7.80 -15.34
CA PRO A 373 -4.61 8.04 -14.74
C PRO A 373 -5.20 6.73 -14.25
N MET A 374 -6.02 6.82 -13.21
CA MET A 374 -6.50 5.64 -12.51
C MET A 374 -8.02 5.65 -12.38
N ILE A 375 -8.61 4.46 -12.48
CA ILE A 375 -9.99 4.25 -12.04
C ILE A 375 -9.93 3.35 -10.82
N CYS A 376 -10.66 3.74 -9.79
CA CYS A 376 -10.55 3.15 -8.46
C CYS A 376 -11.81 2.39 -8.10
N TRP A 377 -11.63 1.14 -7.66
CA TRP A 377 -12.70 0.38 -7.01
C TRP A 377 -12.20 -0.05 -5.64
N PRO A 378 -12.31 0.83 -4.64
CA PRO A 378 -11.76 0.51 -3.32
C PRO A 378 -12.63 -0.49 -2.58
N ARG A 379 -12.02 -1.19 -1.64
CA ARG A 379 -12.72 -2.22 -0.87
C ARG A 379 -12.74 -1.89 0.62
N ASN A 380 -11.60 -1.68 1.26
CA ASN A 380 -11.58 -1.57 2.71
C ASN A 380 -10.37 -0.75 3.16
N GLY A 381 -10.31 -0.47 4.47
CA GLY A 381 -9.24 0.36 4.99
C GLY A 381 -9.13 1.69 4.27
N ASP A 382 -7.89 2.17 4.09
CA ASP A 382 -7.66 3.47 3.49
C ASP A 382 -7.98 3.50 2.00
N GLN A 383 -8.26 2.36 1.38
CA GLN A 383 -8.61 2.35 -0.04
C GLN A 383 -9.71 3.34 -0.37
N THR A 384 -10.77 3.39 0.46
CA THR A 384 -11.90 4.26 0.15
C THR A 384 -11.51 5.72 0.30
N VAL A 385 -10.68 6.03 1.28
CA VAL A 385 -10.07 7.36 1.36
C VAL A 385 -9.28 7.65 0.08
N ASN A 386 -8.32 6.78 -0.25
CA ASN A 386 -7.42 7.06 -1.36
C ASN A 386 -8.20 7.26 -2.66
N ALA A 387 -9.23 6.45 -2.89
CA ALA A 387 -9.98 6.55 -4.14
C ALA A 387 -10.69 7.89 -4.25
N ARG A 388 -11.26 8.35 -3.14
CA ARG A 388 -11.87 9.68 -3.15
C ARG A 388 -10.83 10.76 -3.40
N LEU A 389 -9.64 10.60 -2.80
CA LEU A 389 -8.57 11.56 -3.05
C LEU A 389 -8.18 11.56 -4.52
N VAL A 390 -8.06 10.38 -5.13
CA VAL A 390 -7.66 10.33 -6.53
C VAL A 390 -8.69 11.06 -7.39
N SER A 391 -9.98 10.85 -7.09
CA SER A 391 -11.01 11.34 -8.00
C SER A 391 -11.45 12.77 -7.69
N CYS A 392 -11.32 13.22 -6.44
CA CYS A 392 -11.85 14.52 -6.03
C CYS A 392 -10.79 15.55 -5.66
N SER A 393 -9.71 15.14 -5.02
CA SER A 393 -8.69 16.09 -4.59
C SER A 393 -7.57 16.25 -5.61
N TRP A 394 -6.82 15.19 -5.87
CA TRP A 394 -5.79 15.25 -6.90
C TRP A 394 -6.37 15.21 -8.30
N LYS A 395 -7.59 14.67 -8.45
CA LYS A 395 -8.27 14.62 -9.74
C LYS A 395 -7.38 14.03 -10.85
N VAL A 396 -6.71 12.91 -10.54
CA VAL A 396 -5.95 12.20 -11.57
C VAL A 396 -6.62 10.87 -11.88
N GLY A 397 -7.93 10.80 -11.71
CA GLY A 397 -8.64 9.57 -12.01
C GLY A 397 -10.07 9.62 -11.53
N LEU A 398 -10.76 8.49 -11.71
CA LEU A 398 -12.18 8.34 -11.42
C LEU A 398 -12.43 7.20 -10.44
N GLN A 399 -13.65 7.16 -9.92
CA GLN A 399 -14.07 6.17 -8.95
C GLN A 399 -15.31 5.44 -9.48
N LEU A 400 -15.27 4.10 -9.45
CA LEU A 400 -16.47 3.30 -9.58
C LEU A 400 -17.19 3.30 -8.24
N GLU A 401 -18.43 3.79 -8.23
CA GLU A 401 -19.24 3.83 -7.01
C GLU A 401 -20.08 2.56 -6.93
N GLY A 402 -19.98 1.86 -5.80
CA GLY A 402 -20.64 0.57 -5.65
C GLY A 402 -19.65 -0.49 -5.22
N ARG A 404 -20.68 -3.51 -5.17
CA ARG A 404 -20.98 -4.42 -6.26
C ARG A 404 -20.54 -3.88 -7.61
N LEU A 405 -19.76 -4.67 -8.33
CA LEU A 405 -19.38 -4.34 -9.69
C LEU A 405 -20.47 -4.78 -10.66
N GLU A 406 -20.72 -3.95 -11.66
CA GLU A 406 -21.69 -4.27 -12.69
C GLU A 406 -21.07 -3.89 -14.03
N ARG A 407 -21.11 -4.84 -14.98
CA ARG A 407 -20.37 -4.68 -16.24
C ARG A 407 -20.72 -3.39 -16.97
N GLY A 408 -21.98 -2.98 -16.92
CA GLY A 408 -22.40 -1.78 -17.62
C GLY A 408 -21.62 -0.57 -17.10
N GLU A 409 -21.73 -0.31 -15.79
CA GLU A 409 -21.04 0.83 -15.20
C GLU A 409 -19.53 0.74 -15.40
N ILE A 410 -18.99 -0.49 -15.35
CA ILE A 410 -17.55 -0.67 -15.49
C ILE A 410 -17.10 -0.22 -16.87
N GLU A 411 -17.80 -0.70 -17.90
CA GLU A 411 -17.45 -0.34 -19.28
C GLU A 411 -17.52 1.17 -19.49
N LYS A 412 -18.56 1.82 -18.96
CA LYS A 412 -18.63 3.28 -19.00
C LYS A 412 -17.38 3.90 -18.35
N GLY A 413 -17.01 3.42 -17.16
CA GLY A 413 -15.84 3.94 -16.47
C GLY A 413 -14.54 3.76 -17.26
N LEU A 414 -14.36 2.56 -17.86
CA LEU A 414 -13.13 2.25 -18.58
C LEU A 414 -13.04 3.02 -19.89
N ARG A 415 -14.15 3.11 -20.62
CA ARG A 415 -14.17 3.96 -21.80
C ARG A 415 -13.92 5.40 -21.43
N LYS A 416 -14.55 5.88 -20.34
CA LYS A 416 -14.32 7.25 -19.91
C LYS A 416 -12.85 7.47 -19.54
N LEU A 417 -12.23 6.50 -18.85
CA LEU A 417 -10.85 6.68 -18.42
C LEU A 417 -9.91 6.76 -19.61
N MET A 418 -10.09 5.86 -20.58
CA MET A 418 -9.16 5.72 -21.69
C MET A 418 -9.44 6.68 -22.85
N ALA A 419 -10.39 7.62 -22.70
CA ALA A 419 -10.77 8.52 -23.79
C ALA A 419 -10.20 9.95 -23.62
N ASP A 420 -10.77 10.71 -22.68
CA ASP A 420 -10.49 12.15 -22.57
C ASP A 420 -10.53 12.65 -21.13
N GLU A 425 -6.48 15.82 -20.08
CA GLU A 425 -6.92 16.82 -19.11
C GLU A 425 -6.65 16.30 -17.71
N MET A 426 -7.29 15.18 -17.42
CA MET A 426 -6.90 14.36 -16.29
C MET A 426 -5.43 13.96 -16.42
N ARG A 427 -4.99 13.71 -17.66
CA ARG A 427 -3.60 13.33 -17.90
C ARG A 427 -2.64 14.47 -17.58
N GLU A 428 -3.05 15.70 -17.89
CA GLU A 428 -2.21 16.86 -17.60
C GLU A 428 -2.01 17.03 -16.11
N ARG A 429 -3.09 16.88 -15.32
CA ARG A 429 -2.93 16.93 -13.87
C ARG A 429 -2.09 15.78 -13.38
N ALA A 430 -2.25 14.60 -13.99
CA ALA A 430 -1.42 13.46 -13.62
C ALA A 430 0.05 13.70 -14.00
N ARG A 431 0.28 14.37 -15.13
CA ARG A 431 1.65 14.69 -15.51
C ARG A 431 2.29 15.64 -14.49
N VAL A 432 1.55 16.66 -14.07
CA VAL A 432 2.07 17.60 -13.09
C VAL A 432 2.41 16.86 -11.79
N LEU A 433 1.47 16.05 -11.31
CA LEU A 433 1.72 15.30 -10.08
C LEU A 433 2.97 14.45 -10.21
N LYS A 434 3.14 13.82 -11.36
CA LYS A 434 4.33 13.00 -11.59
C LYS A 434 5.60 13.84 -11.51
N GLU A 435 5.61 14.99 -12.17
CA GLU A 435 6.81 15.83 -12.12
C GLU A 435 7.09 16.27 -10.69
N THR A 436 6.06 16.71 -9.96
CA THR A 436 6.25 17.11 -8.57
C THR A 436 6.81 15.97 -7.72
N ALA A 437 6.50 14.71 -8.07
CA ALA A 437 7.02 13.60 -7.28
C ALA A 437 8.50 13.40 -7.57
N GLU A 438 8.88 13.54 -8.84
CA GLU A 438 10.29 13.48 -9.21
C GLU A 438 11.09 14.53 -8.45
N LEU A 439 10.54 15.74 -8.30
CA LEU A 439 11.32 16.81 -7.71
C LEU A 439 11.44 16.69 -6.20
N CYS A 440 10.46 16.08 -5.54
CA CYS A 440 10.56 16.01 -4.09
C CYS A 440 11.60 15.00 -3.62
N VAL A 441 11.98 14.04 -4.46
CA VAL A 441 12.91 12.99 -4.02
C VAL A 441 14.35 13.28 -4.40
N ILE A 442 14.61 14.24 -5.30
CA ILE A 442 15.99 14.55 -5.69
C ILE A 442 16.63 15.49 -4.69
N LYS A 443 17.95 15.63 -4.75
CA LYS A 443 18.69 16.59 -3.94
C LYS A 443 17.98 17.93 -3.91
N GLY A 444 17.73 18.43 -2.70
CA GLY A 444 16.98 19.64 -2.51
C GLY A 444 15.48 19.45 -2.34
N GLY A 445 14.92 18.37 -2.90
CA GLY A 445 13.51 18.10 -2.73
C GLY A 445 13.13 17.89 -1.27
N SER A 446 11.85 18.14 -0.97
CA SER A 446 11.38 18.06 0.41
C SER A 446 11.53 16.66 1.00
N SER A 447 11.34 15.62 0.18
CA SER A 447 11.45 14.28 0.74
C SER A 447 12.90 13.83 0.87
N TYR A 448 13.77 14.28 -0.04
CA TYR A 448 15.20 14.04 0.11
C TYR A 448 15.73 14.70 1.38
N VAL A 449 15.33 15.95 1.61
CA VAL A 449 15.60 16.63 2.86
C VAL A 449 15.07 15.83 4.04
N ALA A 450 13.79 15.42 3.98
CA ALA A 450 13.15 14.77 5.11
C ALA A 450 13.85 13.47 5.47
N MET A 451 14.34 12.75 4.46
CA MET A 451 15.08 11.52 4.75
C MET A 451 16.40 11.79 5.45
N ASN A 452 17.05 12.93 5.15
CA ASN A 452 18.30 13.28 5.82
C ASN A 452 18.04 13.69 7.26
N LYS A 453 16.91 14.35 7.52
CA LYS A 453 16.52 14.61 8.91
C LYS A 453 16.20 13.31 9.64
N LEU A 454 15.52 12.38 8.98
CA LEU A 454 15.27 11.07 9.58
C LEU A 454 16.58 10.38 9.96
N VAL A 455 17.55 10.38 9.05
CA VAL A 455 18.85 9.78 9.35
C VAL A 455 19.45 10.42 10.60
N ASN A 456 19.35 11.75 10.71
CA ASN A 456 19.87 12.44 11.88
C ASN A 456 19.08 12.08 13.14
N HIS A 457 17.75 11.99 13.03
CA HIS A 457 16.97 11.51 14.18
C HIS A 457 17.43 10.13 14.61
N ILE A 458 17.68 9.25 13.66
CA ILE A 458 18.13 7.89 13.99
C ILE A 458 19.49 7.93 14.66
N LEU A 459 20.43 8.69 14.09
CA LEU A 459 21.77 8.77 14.66
C LEU A 459 21.73 9.39 16.05
N SER A 460 20.71 10.20 16.36
CA SER A 460 20.67 10.87 17.65
C SER A 460 20.14 9.98 18.77
N LEU A 461 19.50 8.86 18.42
CA LEU A 461 18.82 8.06 19.44
C LEU A 461 19.79 7.34 20.39
#